data_3P7H
#
_entry.id   3P7H
#
_cell.length_a   79.970
_cell.length_b   79.970
_cell.length_c   90.950
_cell.angle_alpha   90.00
_cell.angle_beta   90.00
_cell.angle_gamma   90.00
#
_symmetry.space_group_name_H-M   'P 42'
#
loop_
_entity.id
_entity.type
_entity.pdbx_description
1 polymer 'C-type lectin domain family 4 member K'
2 branched alpha-D-glucopyranose-(1-4)-alpha-D-glucopyranose
3 non-polymer 'CALCIUM ION'
4 water water
#
_entity_poly.entity_id   1
_entity_poly.type   'polypeptide(L)'
_entity_poly.pdbx_seq_one_letter_code
;QVVSQGWKYFKGNFYYFSLIPKTWYSAEQFCVSRNSHLTSVTSESEQEFLYKTAGGLIYWIGLTKAG(MSE)EGDWSWVD
DTPFNKVQSVRFWIPGEPNNAGNNEHCGNIKAPSLQAWNDAPCDKTFLFICKRPYVPSEPSAWSHPQFEK
;
_entity_poly.pdbx_strand_id   A,B,C,D
#
loop_
_chem_comp.id
_chem_comp.type
_chem_comp.name
_chem_comp.formula
CA non-polymer 'CALCIUM ION' 'Ca 2'
GLC D-saccharide, alpha linking alpha-D-glucopyranose 'C6 H12 O6'
#
# COMPACT_ATOMS: atom_id res chain seq x y z
N GLY A 6 3.77 -20.27 19.83
CA GLY A 6 3.78 -21.38 18.83
C GLY A 6 4.33 -21.02 17.46
N TRP A 7 5.17 -19.99 17.40
CA TRP A 7 5.76 -19.56 16.13
C TRP A 7 7.04 -20.31 15.80
N LYS A 8 7.13 -20.81 14.58
CA LYS A 8 8.32 -21.52 14.11
C LYS A 8 9.19 -20.55 13.32
N TYR A 9 10.51 -20.66 13.51
CA TYR A 9 11.44 -19.76 12.88
C TYR A 9 12.08 -20.37 11.62
N PHE A 10 12.26 -19.55 10.59
CA PHE A 10 12.95 -19.94 9.36
C PHE A 10 13.44 -18.71 8.55
N LYS A 11 14.76 -18.60 8.39
CA LYS A 11 15.41 -17.54 7.61
C LYS A 11 14.82 -16.12 7.79
N GLY A 12 14.94 -15.62 9.02
CA GLY A 12 14.55 -14.25 9.33
C GLY A 12 13.07 -13.96 9.46
N ASN A 13 12.24 -15.01 9.42
CA ASN A 13 10.79 -14.89 9.60
C ASN A 13 10.26 -15.93 10.60
N PHE A 14 9.18 -15.58 11.30
CA PHE A 14 8.43 -16.53 12.14
C PHE A 14 7.13 -16.91 11.45
N TYR A 15 6.71 -18.18 11.63
CA TYR A 15 5.49 -18.69 10.99
C TYR A 15 4.55 -19.30 11.99
N TYR A 16 3.25 -19.06 11.80
CA TYR A 16 2.21 -19.63 12.64
C TYR A 16 1.30 -20.57 11.85
N PHE A 17 1.26 -21.85 12.26
CA PHE A 17 0.43 -22.89 11.63
C PHE A 17 -0.84 -23.07 12.47
N SER A 18 -1.97 -22.52 12.02
CA SER A 18 -3.17 -22.48 12.85
C SER A 18 -3.70 -23.88 13.15
N LEU A 19 -4.49 -23.97 14.22
CA LEU A 19 -5.16 -25.20 14.63
C LEU A 19 -6.67 -25.15 14.35
N ILE A 20 -7.15 -23.97 13.95
CA ILE A 20 -8.57 -23.68 13.75
C ILE A 20 -8.76 -23.25 12.28
N PRO A 21 -9.72 -23.86 11.56
CA PRO A 21 -9.92 -23.47 10.16
C PRO A 21 -10.68 -22.14 10.03
N LYS A 22 -10.32 -21.35 9.03
CA LYS A 22 -11.03 -20.12 8.68
C LYS A 22 -11.13 -19.91 7.17
N THR A 23 -12.06 -19.04 6.76
CA THR A 23 -12.09 -18.53 5.39
C THR A 23 -10.80 -17.76 5.14
N TRP A 24 -10.46 -17.54 3.87
CA TRP A 24 -9.21 -16.87 3.56
C TRP A 24 -9.07 -15.54 4.26
N TYR A 25 -10.12 -14.72 4.23
CA TYR A 25 -10.02 -13.35 4.71
C TYR A 25 -10.08 -13.26 6.20
N SER A 26 -10.94 -14.07 6.83
CA SER A 26 -10.94 -14.19 8.28
C SER A 26 -9.59 -14.68 8.80
N ALA A 27 -8.97 -15.63 8.09
CA ALA A 27 -7.60 -16.03 8.39
C ALA A 27 -6.66 -14.83 8.31
N GLU A 28 -6.67 -14.10 7.19
CA GLU A 28 -5.81 -12.91 7.07
C GLU A 28 -6.04 -11.90 8.19
N GLN A 29 -7.28 -11.70 8.60
CA GLN A 29 -7.57 -10.79 9.70
C GLN A 29 -7.04 -11.31 11.04
N PHE A 30 -7.05 -12.63 11.21
CA PHE A 30 -6.39 -13.23 12.34
C PHE A 30 -4.89 -12.93 12.33
N CYS A 31 -4.25 -13.15 11.18
CA CYS A 31 -2.82 -12.82 11.03
C CYS A 31 -2.50 -11.35 11.33
N VAL A 32 -3.29 -10.45 10.75
CA VAL A 32 -3.13 -9.02 10.99
C VAL A 32 -3.24 -8.71 12.49
N SER A 33 -4.18 -9.34 13.20
CA SER A 33 -4.34 -9.13 14.65
C SER A 33 -3.09 -9.54 15.43
N ARG A 34 -2.28 -10.42 14.84
CA ARG A 34 -1.02 -10.87 15.41
C ARG A 34 0.20 -10.21 14.75
N ASN A 35 0.01 -9.04 14.16
CA ASN A 35 1.11 -8.31 13.53
C ASN A 35 1.76 -9.08 12.38
N SER A 36 0.95 -9.79 11.58
CA SER A 36 1.49 -10.63 10.53
C SER A 36 0.56 -10.66 9.32
N HIS A 37 0.85 -11.55 8.37
CA HIS A 37 0.05 -11.70 7.14
C HIS A 37 0.06 -13.17 6.76
N LEU A 38 -0.93 -13.61 6.01
CA LEU A 38 -0.86 -14.94 5.45
C LEU A 38 0.42 -14.97 4.65
N THR A 39 1.14 -16.09 4.73
CA THR A 39 2.52 -16.15 4.25
C THR A 39 2.67 -15.99 2.73
N SER A 40 3.68 -15.23 2.32
CA SER A 40 4.22 -15.31 0.96
C SER A 40 5.20 -16.46 0.83
N VAL A 41 5.57 -16.82 -0.40
CA VAL A 41 6.61 -17.83 -0.66
C VAL A 41 7.54 -17.31 -1.77
N THR A 42 8.82 -17.13 -1.46
CA THR A 42 9.73 -16.42 -2.37
C THR A 42 11.01 -17.19 -2.74
N SER A 43 11.07 -18.47 -2.40
CA SER A 43 12.23 -19.30 -2.72
C SER A 43 11.87 -20.78 -2.59
N GLU A 44 12.67 -21.62 -3.26
CA GLU A 44 12.46 -23.07 -3.16
C GLU A 44 12.59 -23.59 -1.73
N SER A 45 13.59 -23.10 -0.99
CA SER A 45 13.79 -23.51 0.40
C SER A 45 12.61 -23.16 1.31
N GLU A 46 11.97 -22.00 1.06
CA GLU A 46 10.83 -21.57 1.85
C GLU A 46 9.64 -22.43 1.53
N GLN A 47 9.43 -22.69 0.24
CA GLN A 47 8.37 -23.58 -0.18
C GLN A 47 8.53 -24.95 0.50
N GLU A 48 9.74 -25.50 0.46
CA GLU A 48 10.02 -26.79 1.11
C GLU A 48 9.71 -26.74 2.61
N PHE A 49 10.23 -25.73 3.31
CA PHE A 49 9.98 -25.62 4.75
C PHE A 49 8.47 -25.65 5.04
N LEU A 50 7.69 -24.95 4.22
CA LEU A 50 6.26 -24.82 4.44
C LEU A 50 5.51 -26.12 4.17
N TYR A 51 5.77 -26.77 3.04
CA TYR A 51 5.04 -27.99 2.72
C TYR A 51 5.38 -29.12 3.68
N LYS A 52 6.64 -29.16 4.10
CA LYS A 52 7.09 -30.20 5.04
C LYS A 52 6.48 -30.00 6.41
N THR A 53 6.40 -28.76 6.86
CA THR A 53 5.78 -28.44 8.15
C THR A 53 4.25 -28.66 8.11
N ALA A 54 3.63 -28.32 6.98
CA ALA A 54 2.20 -28.63 6.75
C ALA A 54 1.85 -30.12 6.85
N GLY A 55 2.74 -30.99 6.40
CA GLY A 55 2.57 -32.43 6.62
C GLY A 55 1.31 -33.04 6.01
N GLY A 56 0.92 -32.58 4.81
CA GLY A 56 -0.19 -33.21 4.10
C GLY A 56 -1.56 -32.61 4.38
N LEU A 57 -1.61 -31.58 5.21
CA LEU A 57 -2.85 -30.86 5.47
C LEU A 57 -2.90 -29.58 4.67
N ILE A 58 -4.11 -29.16 4.31
CA ILE A 58 -4.27 -27.97 3.48
C ILE A 58 -4.29 -26.68 4.30
N TYR A 59 -3.44 -25.72 3.93
CA TYR A 59 -3.34 -24.42 4.61
C TYR A 59 -3.50 -23.25 3.65
N TRP A 60 -4.34 -22.30 4.01
CA TRP A 60 -4.39 -21.03 3.28
C TRP A 60 -3.04 -20.35 3.38
N ILE A 61 -2.54 -19.84 2.25
CA ILE A 61 -1.41 -18.90 2.26
C ILE A 61 -1.87 -17.54 1.67
N GLY A 62 -0.96 -16.57 1.57
CA GLY A 62 -1.31 -15.23 1.17
C GLY A 62 -1.57 -15.02 -0.32
N LEU A 63 -1.83 -16.10 -1.06
CA LEU A 63 -2.08 -16.04 -2.50
C LEU A 63 -3.47 -15.52 -2.73
N THR A 64 -3.60 -14.48 -3.57
CA THR A 64 -4.92 -13.95 -3.89
C THR A 64 -4.86 -13.09 -5.13
N LYS A 65 -5.99 -13.01 -5.84
CA LYS A 65 -6.07 -12.24 -7.08
C LYS A 65 -6.25 -10.75 -6.79
N ALA A 66 -5.62 -9.92 -7.61
CA ALA A 66 -5.67 -8.47 -7.50
C ALA A 66 -5.64 -7.87 -8.88
N GLY A 67 -6.02 -6.61 -8.97
CA GLY A 67 -6.04 -5.89 -10.25
C GLY A 67 -7.07 -6.43 -11.20
N MSE A 68 -7.32 -5.67 -12.25
CA MSE A 68 -8.36 -5.96 -13.22
C MSE A 68 -8.14 -7.27 -14.01
O MSE A 68 -9.10 -7.96 -14.34
CB MSE A 68 -8.46 -4.78 -14.15
CG MSE A 68 -9.67 -4.76 -15.04
SE MSE A 68 -9.53 -3.14 -16.11
CE MSE A 68 -7.67 -3.29 -16.72
N GLU A 69 -6.88 -7.61 -14.28
CA GLU A 69 -6.56 -8.79 -15.09
C GLU A 69 -6.69 -10.13 -14.36
N GLY A 70 -6.71 -10.09 -13.04
CA GLY A 70 -6.81 -11.29 -12.25
C GLY A 70 -5.46 -11.92 -11.91
N ASP A 71 -4.40 -11.11 -11.96
CA ASP A 71 -3.07 -11.60 -11.64
C ASP A 71 -2.99 -12.02 -10.18
N TRP A 72 -2.27 -13.10 -9.92
CA TRP A 72 -2.02 -13.54 -8.57
C TRP A 72 -1.09 -12.56 -7.88
N SER A 73 -1.24 -12.46 -6.55
CA SER A 73 -0.47 -11.55 -5.76
C SER A 73 -0.38 -12.08 -4.35
N TRP A 74 0.51 -11.46 -3.58
CA TRP A 74 0.69 -11.75 -2.16
C TRP A 74 0.06 -10.66 -1.29
N VAL A 75 -0.76 -11.07 -0.32
CA VAL A 75 -1.40 -10.13 0.55
C VAL A 75 -0.41 -9.32 1.43
N ASP A 76 0.80 -9.84 1.68
CA ASP A 76 1.83 -9.05 2.39
C ASP A 76 2.52 -8.05 1.49
N ASP A 77 2.06 -7.95 0.24
CA ASP A 77 2.57 -6.96 -0.69
C ASP A 77 3.96 -7.23 -1.25
N THR A 78 4.55 -8.39 -0.98
CA THR A 78 5.68 -8.86 -1.76
C THR A 78 5.26 -8.92 -3.24
N PRO A 79 6.03 -8.28 -4.14
CA PRO A 79 5.67 -8.38 -5.57
C PRO A 79 5.64 -9.84 -6.00
N PHE A 80 4.63 -10.21 -6.79
CA PHE A 80 4.48 -11.58 -7.19
C PHE A 80 5.35 -11.83 -8.42
N ASN A 81 6.26 -12.79 -8.31
CA ASN A 81 7.13 -13.20 -9.41
C ASN A 81 6.49 -14.36 -10.16
N LYS A 82 5.82 -14.05 -11.26
CA LYS A 82 5.14 -15.08 -12.05
C LYS A 82 6.14 -16.16 -12.46
N VAL A 83 7.21 -15.74 -13.13
CA VAL A 83 8.24 -16.64 -13.63
C VAL A 83 8.80 -17.61 -12.57
N GLN A 84 9.16 -17.10 -11.41
CA GLN A 84 9.82 -17.93 -10.38
C GLN A 84 8.85 -18.76 -9.55
N SER A 85 7.54 -18.57 -9.78
CA SER A 85 6.50 -19.28 -9.03
C SER A 85 5.81 -20.39 -9.84
N VAL A 86 6.17 -20.50 -11.13
CA VAL A 86 5.56 -21.48 -12.04
C VAL A 86 5.77 -22.92 -11.55
N ARG A 87 6.93 -23.19 -10.98
CA ARG A 87 7.25 -24.46 -10.39
C ARG A 87 6.50 -24.79 -9.07
N PHE A 88 5.85 -23.81 -8.44
CA PHE A 88 5.23 -24.03 -7.11
C PHE A 88 3.75 -24.46 -7.15
N TRP A 89 3.12 -24.38 -8.32
CA TRP A 89 1.73 -24.79 -8.48
C TRP A 89 1.64 -26.30 -8.68
N ILE A 90 0.53 -26.90 -8.25
CA ILE A 90 0.22 -28.30 -8.62
C ILE A 90 -0.01 -28.34 -10.16
N PRO A 91 0.53 -29.36 -10.84
CA PRO A 91 0.33 -29.43 -12.27
C PRO A 91 -1.14 -29.21 -12.65
N GLY A 92 -1.39 -28.29 -13.58
CA GLY A 92 -2.73 -28.00 -14.04
C GLY A 92 -3.44 -26.92 -13.24
N GLU A 93 -2.78 -26.41 -12.21
CA GLU A 93 -3.30 -25.26 -11.45
C GLU A 93 -2.45 -24.04 -11.77
N PRO A 94 -3.00 -22.83 -11.59
CA PRO A 94 -4.37 -22.56 -11.15
C PRO A 94 -5.37 -22.79 -12.28
N ASN A 95 -6.51 -23.41 -11.97
CA ASN A 95 -7.50 -23.77 -13.00
C ASN A 95 -8.84 -23.05 -12.88
N ASN A 96 -8.98 -22.20 -11.87
CA ASN A 96 -10.21 -21.43 -11.64
C ASN A 96 -11.48 -22.28 -11.73
N ALA A 97 -11.54 -23.36 -10.96
CA ALA A 97 -12.69 -24.28 -11.04
C ALA A 97 -13.97 -23.52 -10.74
N GLY A 98 -14.95 -23.66 -11.63
CA GLY A 98 -16.23 -22.98 -11.49
C GLY A 98 -16.15 -21.47 -11.62
N ASN A 99 -15.01 -20.97 -12.08
CA ASN A 99 -14.75 -19.53 -12.18
C ASN A 99 -14.90 -18.84 -10.81
N ASN A 100 -14.61 -19.55 -9.74
CA ASN A 100 -14.77 -18.97 -8.40
C ASN A 100 -13.59 -19.22 -7.48
N GLU A 101 -12.40 -19.40 -8.03
CA GLU A 101 -11.23 -19.75 -7.21
C GLU A 101 -10.18 -18.62 -7.21
N HIS A 102 -10.28 -17.72 -6.24
CA HIS A 102 -9.51 -16.49 -6.26
C HIS A 102 -8.52 -16.35 -5.09
N CYS A 103 -8.36 -17.44 -4.32
CA CYS A 103 -7.40 -17.48 -3.22
C CYS A 103 -6.60 -18.79 -3.36
N GLY A 104 -5.42 -18.85 -2.76
CA GLY A 104 -4.54 -20.00 -2.92
C GLY A 104 -4.09 -20.61 -1.61
N ASN A 105 -3.91 -21.93 -1.62
CA ASN A 105 -3.46 -22.65 -0.46
C ASN A 105 -2.29 -23.54 -0.77
N ILE A 106 -1.62 -24.05 0.27
CA ILE A 106 -0.70 -25.17 0.11
C ILE A 106 -1.49 -26.47 0.33
N LYS A 107 -1.37 -27.40 -0.61
CA LYS A 107 -2.23 -28.56 -0.68
C LYS A 107 -1.40 -29.84 -0.73
N ALA A 108 -0.62 -30.04 -1.80
CA ALA A 108 0.18 -31.26 -1.97
C ALA A 108 1.50 -31.16 -1.20
N PRO A 109 1.91 -32.27 -0.54
CA PRO A 109 3.21 -32.29 0.13
C PRO A 109 4.32 -32.53 -0.89
N SER A 110 4.68 -31.47 -1.60
CA SER A 110 5.63 -31.53 -2.70
C SER A 110 5.96 -30.10 -3.08
N LEU A 111 7.10 -29.89 -3.73
CA LEU A 111 7.47 -28.55 -4.19
C LEU A 111 6.39 -27.95 -5.10
N GLN A 112 5.79 -28.79 -5.94
CA GLN A 112 4.60 -28.44 -6.71
C GLN A 112 3.40 -28.67 -5.77
N ALA A 113 2.96 -27.60 -5.09
CA ALA A 113 2.11 -27.71 -3.88
C ALA A 113 0.85 -26.86 -3.88
N TRP A 114 0.84 -25.74 -4.61
CA TRP A 114 -0.29 -24.81 -4.54
C TRP A 114 -1.50 -25.19 -5.41
N ASN A 115 -2.67 -24.88 -4.89
CA ASN A 115 -3.94 -24.96 -5.61
C ASN A 115 -4.64 -23.64 -5.39
N ASP A 116 -5.42 -23.20 -6.38
CA ASP A 116 -6.35 -22.10 -6.15
C ASP A 116 -7.70 -22.71 -5.73
N ALA A 117 -8.39 -22.05 -4.80
CA ALA A 117 -9.62 -22.58 -4.23
C ALA A 117 -10.55 -21.42 -3.91
N PRO A 118 -11.86 -21.67 -3.68
CA PRO A 118 -12.77 -20.56 -3.35
C PRO A 118 -12.47 -19.92 -1.99
N CYS A 119 -12.40 -18.58 -1.96
CA CYS A 119 -11.94 -17.79 -0.82
C CYS A 119 -12.77 -18.01 0.44
N ASP A 120 -13.99 -18.44 0.22
CA ASP A 120 -14.96 -18.67 1.27
C ASP A 120 -14.93 -20.09 1.87
N LYS A 121 -14.00 -20.93 1.40
CA LYS A 121 -13.84 -22.27 2.01
C LYS A 121 -13.00 -22.14 3.26
N THR A 122 -13.25 -23.00 4.24
CA THR A 122 -12.51 -22.91 5.48
C THR A 122 -11.38 -23.94 5.49
N PHE A 123 -10.16 -23.43 5.67
CA PHE A 123 -8.97 -24.25 5.84
C PHE A 123 -8.16 -23.71 7.02
N LEU A 124 -7.27 -24.55 7.53
CA LEU A 124 -6.18 -24.11 8.38
C LEU A 124 -5.39 -23.08 7.58
N PHE A 125 -4.50 -22.33 8.22
CA PHE A 125 -3.82 -21.22 7.54
C PHE A 125 -2.45 -20.94 8.15
N ILE A 126 -1.56 -20.31 7.38
CA ILE A 126 -0.20 -20.01 7.84
C ILE A 126 0.07 -18.51 7.82
N CYS A 127 0.44 -17.98 8.98
CA CYS A 127 0.84 -16.59 9.11
C CYS A 127 2.36 -16.45 9.05
N LYS A 128 2.82 -15.28 8.65
CA LYS A 128 4.24 -15.04 8.52
C LYS A 128 4.55 -13.64 9.03
N ARG A 129 5.59 -13.50 9.83
CA ARG A 129 6.07 -12.16 10.18
C ARG A 129 7.59 -12.10 10.31
N PRO A 130 8.19 -11.03 9.78
CA PRO A 130 9.64 -10.90 9.81
C PRO A 130 10.13 -10.67 11.24
N TYR A 131 11.34 -11.10 11.55
CA TYR A 131 11.95 -10.70 12.81
C TYR A 131 12.45 -9.27 12.65
N VAL A 132 11.96 -8.42 13.53
CA VAL A 132 12.34 -7.01 13.60
C VAL A 132 12.96 -6.82 14.98
N PRO A 133 14.28 -6.61 15.06
CA PRO A 133 14.88 -6.32 16.37
C PRO A 133 14.48 -4.96 16.94
N SER A 134 14.32 -4.92 18.26
CA SER A 134 13.96 -3.71 19.00
C SER A 134 15.17 -2.79 19.16
N GLU A 135 15.19 -1.72 18.36
CA GLU A 135 16.28 -0.72 18.39
C GLU A 135 15.77 0.73 18.47
N PRO A 136 16.58 1.65 19.04
CA PRO A 136 16.14 3.03 19.09
C PRO A 136 15.95 3.65 17.69
N SER A 137 15.22 4.76 17.66
CA SER A 137 14.88 5.50 16.44
C SER A 137 16.09 5.71 15.53
N ALA A 138 16.00 5.20 14.31
CA ALA A 138 17.10 5.29 13.33
C ALA A 138 17.16 6.64 12.61
N TRP A 139 16.30 7.58 13.01
CA TRP A 139 16.20 8.89 12.38
C TRP A 139 17.29 9.89 12.82
N SER A 140 17.58 9.95 14.12
CA SER A 140 18.68 10.79 14.65
C SER A 140 18.95 10.59 16.15
N SER B 4 11.85 1.34 -24.64
CA SER B 4 13.26 1.66 -24.25
C SER B 4 14.15 0.41 -24.33
N GLN B 5 15.39 0.62 -24.77
CA GLN B 5 16.45 -0.36 -24.61
C GLN B 5 16.98 -0.17 -23.21
N GLY B 6 17.93 -1.01 -22.80
CA GLY B 6 18.60 -0.84 -21.49
C GLY B 6 17.93 -1.52 -20.30
N TRP B 7 16.95 -2.35 -20.59
CA TRP B 7 16.34 -3.19 -19.57
C TRP B 7 16.99 -4.55 -19.67
N LYS B 8 17.64 -4.96 -18.59
CA LYS B 8 18.36 -6.23 -18.54
C LYS B 8 17.55 -7.25 -17.74
N TYR B 9 17.46 -8.47 -18.26
CA TYR B 9 16.63 -9.50 -17.66
C TYR B 9 17.38 -10.39 -16.68
N PHE B 10 16.74 -10.70 -15.55
CA PHE B 10 17.29 -11.60 -14.54
C PHE B 10 16.19 -12.19 -13.66
N LYS B 11 16.02 -13.50 -13.71
CA LYS B 11 15.11 -14.24 -12.82
C LYS B 11 13.74 -13.59 -12.66
N GLY B 12 13.06 -13.41 -13.79
CA GLY B 12 11.70 -12.95 -13.80
C GLY B 12 11.49 -11.44 -13.71
N ASN B 13 12.58 -10.68 -13.62
CA ASN B 13 12.50 -9.22 -13.62
C ASN B 13 13.43 -8.54 -14.64
N PHE B 14 13.02 -7.37 -15.11
CA PHE B 14 13.91 -6.51 -15.89
C PHE B 14 14.50 -5.41 -15.01
N TYR B 15 15.76 -5.06 -15.25
CA TYR B 15 16.40 -3.99 -14.52
C TYR B 15 16.96 -2.91 -15.45
N TYR B 16 16.76 -1.67 -15.05
CA TYR B 16 17.22 -0.51 -15.81
C TYR B 16 18.27 0.18 -15.00
N PHE B 17 19.46 0.31 -15.58
CA PHE B 17 20.59 1.01 -14.96
C PHE B 17 20.72 2.37 -15.61
N SER B 18 20.38 3.42 -14.85
CA SER B 18 20.19 4.75 -15.46
C SER B 18 21.49 5.37 -15.95
N LEU B 19 21.33 6.33 -16.87
CA LEU B 19 22.46 7.10 -17.41
C LEU B 19 22.50 8.49 -16.75
N ILE B 20 21.35 8.89 -16.20
CA ILE B 20 21.17 10.21 -15.59
C ILE B 20 21.03 10.08 -14.06
N PRO B 21 21.81 10.87 -13.30
CA PRO B 21 21.73 10.92 -11.83
C PRO B 21 20.51 11.70 -11.26
N LYS B 22 19.90 11.20 -10.19
CA LYS B 22 18.73 11.85 -9.57
C LYS B 22 18.74 11.71 -8.06
N THR B 23 17.99 12.56 -7.37
CA THR B 23 17.76 12.33 -5.94
C THR B 23 17.04 10.99 -5.83
N TRP B 24 17.01 10.45 -4.61
CA TRP B 24 16.39 9.15 -4.41
C TRP B 24 14.95 9.15 -4.88
N TYR B 25 14.22 10.18 -4.48
CA TYR B 25 12.80 10.18 -4.76
C TYR B 25 12.50 10.53 -6.21
N SER B 26 13.22 11.48 -6.80
CA SER B 26 13.10 11.77 -8.24
C SER B 26 13.43 10.53 -9.09
N ALA B 27 14.41 9.74 -8.62
CA ALA B 27 14.71 8.45 -9.24
C ALA B 27 13.52 7.49 -9.14
N GLU B 28 12.96 7.35 -7.93
CA GLU B 28 11.76 6.50 -7.75
C GLU B 28 10.64 6.96 -8.68
N GLN B 29 10.46 8.27 -8.80
CA GLN B 29 9.48 8.83 -9.75
C GLN B 29 9.75 8.47 -11.21
N PHE B 30 11.02 8.50 -11.61
CA PHE B 30 11.38 8.05 -12.95
C PHE B 30 10.93 6.60 -13.14
N CYS B 31 11.26 5.74 -12.18
CA CYS B 31 10.93 4.32 -12.26
C CYS B 31 9.42 4.10 -12.33
N VAL B 32 8.67 4.85 -11.55
CA VAL B 32 7.20 4.75 -11.57
C VAL B 32 6.61 5.12 -12.94
N SER B 33 7.14 6.17 -13.57
CA SER B 33 6.72 6.57 -14.90
C SER B 33 7.15 5.53 -15.96
N ARG B 34 8.02 4.59 -15.58
CA ARG B 34 8.38 3.48 -16.49
C ARG B 34 7.80 2.15 -15.99
N ASN B 35 6.74 2.22 -15.17
CA ASN B 35 6.02 1.06 -14.64
C ASN B 35 6.88 0.15 -13.80
N SER B 36 7.69 0.77 -12.94
CA SER B 36 8.66 0.01 -12.15
C SER B 36 8.89 0.70 -10.81
N HIS B 37 9.83 0.18 -10.05
CA HIS B 37 10.23 0.78 -8.79
C HIS B 37 11.72 0.68 -8.71
N LEU B 38 12.33 1.57 -7.94
CA LEU B 38 13.71 1.37 -7.50
C LEU B 38 13.88 -0.04 -6.92
N THR B 39 14.92 -0.74 -7.35
CA THR B 39 15.00 -2.20 -7.09
C THR B 39 15.08 -2.58 -5.61
N SER B 40 14.39 -3.68 -5.26
CA SER B 40 14.63 -4.38 -4.00
C SER B 40 15.75 -5.38 -4.23
N VAL B 41 16.34 -5.89 -3.14
CA VAL B 41 17.33 -6.95 -3.23
C VAL B 41 16.98 -7.99 -2.18
N THR B 42 16.60 -9.20 -2.60
CA THR B 42 16.12 -10.24 -1.70
C THR B 42 16.86 -11.60 -1.78
N SER B 43 18.04 -11.65 -2.40
CA SER B 43 18.88 -12.87 -2.48
C SER B 43 20.32 -12.54 -2.88
N GLU B 44 21.24 -13.45 -2.54
CA GLU B 44 22.63 -13.39 -2.96
C GLU B 44 22.78 -13.23 -4.47
N SER B 45 22.10 -14.08 -5.25
CA SER B 45 22.24 -14.05 -6.70
C SER B 45 21.77 -12.73 -7.31
N GLU B 46 20.70 -12.16 -6.77
CA GLU B 46 20.27 -10.84 -7.20
C GLU B 46 21.28 -9.73 -6.82
N GLN B 47 21.75 -9.71 -5.58
CA GLN B 47 22.78 -8.77 -5.17
C GLN B 47 24.03 -8.86 -6.05
N GLU B 48 24.45 -10.09 -6.35
CA GLU B 48 25.61 -10.34 -7.20
C GLU B 48 25.39 -9.82 -8.62
N PHE B 49 24.23 -10.13 -9.20
CA PHE B 49 23.81 -9.56 -10.49
C PHE B 49 23.93 -8.03 -10.51
N LEU B 50 23.44 -7.38 -9.46
CA LEU B 50 23.37 -5.94 -9.42
C LEU B 50 24.73 -5.28 -9.29
N TYR B 51 25.59 -5.80 -8.42
CA TYR B 51 26.87 -5.12 -8.17
C TYR B 51 27.84 -5.32 -9.32
N LYS B 52 27.76 -6.49 -9.97
CA LYS B 52 28.59 -6.78 -11.13
C LYS B 52 28.19 -5.90 -12.31
N THR B 53 26.90 -5.84 -12.59
CA THR B 53 26.38 -4.94 -13.63
C THR B 53 26.70 -3.47 -13.35
N ALA B 54 26.67 -3.10 -12.06
CA ALA B 54 26.98 -1.74 -11.65
C ALA B 54 28.40 -1.34 -12.03
N GLY B 55 29.32 -2.32 -12.07
CA GLY B 55 30.70 -2.07 -12.52
C GLY B 55 31.37 -0.88 -11.85
N GLY B 56 31.15 -0.75 -10.54
CA GLY B 56 31.83 0.26 -9.74
C GLY B 56 31.23 1.66 -9.69
N LEU B 57 30.11 1.88 -10.37
CA LEU B 57 29.37 3.14 -10.25
C LEU B 57 28.37 3.00 -9.08
N ILE B 58 27.97 4.14 -8.53
CA ILE B 58 27.06 4.15 -7.40
C ILE B 58 25.61 4.38 -7.88
N TYR B 59 24.72 3.48 -7.48
CA TYR B 59 23.32 3.52 -7.87
C TYR B 59 22.39 3.44 -6.66
N TRP B 60 21.50 4.42 -6.54
CA TRP B 60 20.33 4.27 -5.69
C TRP B 60 19.60 2.95 -5.92
N ILE B 61 19.24 2.31 -4.80
CA ILE B 61 18.27 1.22 -4.84
C ILE B 61 17.07 1.62 -4.00
N GLY B 62 16.07 0.73 -3.90
CA GLY B 62 14.79 1.06 -3.26
C GLY B 62 14.78 1.07 -1.74
N LEU B 63 15.95 1.20 -1.15
CA LEU B 63 16.15 1.15 0.27
C LEU B 63 15.87 2.48 0.87
N THR B 64 15.02 2.53 1.89
CA THR B 64 14.64 3.80 2.52
C THR B 64 13.97 3.58 3.88
N LYS B 65 14.31 4.45 4.83
CA LYS B 65 13.78 4.40 6.18
C LYS B 65 12.30 4.74 6.15
N ALA B 66 11.50 4.06 6.98
CA ALA B 66 10.06 4.27 7.04
C ALA B 66 9.57 3.98 8.45
N GLY B 67 8.34 4.42 8.76
CA GLY B 67 7.74 4.24 10.08
C GLY B 67 8.35 5.14 11.14
N MSE B 68 7.77 5.11 12.33
CA MSE B 68 8.21 5.96 13.44
C MSE B 68 9.64 5.68 13.88
O MSE B 68 10.33 6.59 14.37
CB MSE B 68 7.29 5.80 14.65
CG MSE B 68 6.03 6.65 14.58
SE MSE B 68 5.22 6.88 16.36
CE MSE B 68 6.54 8.12 17.14
N GLU B 69 10.07 4.43 13.74
CA GLU B 69 11.37 4.02 14.24
C GLU B 69 12.43 4.10 13.17
N GLY B 70 12.04 4.33 11.92
CA GLY B 70 13.00 4.49 10.85
C GLY B 70 13.72 3.22 10.46
N ASP B 71 13.01 2.09 10.51
CA ASP B 71 13.49 0.82 10.00
C ASP B 71 13.61 0.90 8.50
N TRP B 72 14.62 0.22 7.97
CA TRP B 72 14.82 0.15 6.54
C TRP B 72 13.62 -0.53 5.93
N SER B 73 13.32 -0.17 4.69
CA SER B 73 12.18 -0.74 3.99
C SER B 73 12.48 -0.66 2.48
N TRP B 74 11.68 -1.37 1.70
CA TRP B 74 11.78 -1.34 0.25
C TRP B 74 10.62 -0.53 -0.32
N VAL B 75 10.91 0.40 -1.24
CA VAL B 75 9.84 1.22 -1.79
C VAL B 75 8.83 0.42 -2.61
N ASP B 76 9.25 -0.70 -3.18
CA ASP B 76 8.33 -1.59 -3.91
C ASP B 76 7.44 -2.43 -2.97
N ASP B 77 7.57 -2.19 -1.66
CA ASP B 77 6.78 -2.90 -0.61
C ASP B 77 7.12 -4.36 -0.28
N THR B 78 8.17 -4.93 -0.85
CA THR B 78 8.73 -6.16 -0.32
C THR B 78 9.02 -6.00 1.18
N PRO B 79 8.53 -6.92 2.00
CA PRO B 79 8.90 -6.81 3.41
C PRO B 79 10.43 -6.88 3.60
N PHE B 80 10.96 -6.03 4.48
CA PHE B 80 12.39 -6.01 4.76
C PHE B 80 12.75 -7.10 5.74
N ASN B 81 13.67 -7.97 5.34
CA ASN B 81 14.16 -9.07 6.18
C ASN B 81 15.53 -8.66 6.73
N LYS B 82 15.58 -8.20 7.98
CA LYS B 82 16.82 -7.65 8.52
C LYS B 82 17.88 -8.72 8.66
N VAL B 83 17.47 -9.90 9.09
CA VAL B 83 18.37 -11.05 9.19
C VAL B 83 19.12 -11.30 7.87
N GLN B 84 18.40 -11.35 6.76
CA GLN B 84 19.00 -11.75 5.49
C GLN B 84 19.76 -10.61 4.83
N SER B 85 19.54 -9.40 5.31
CA SER B 85 20.14 -8.22 4.68
C SER B 85 21.43 -7.79 5.37
N VAL B 86 21.71 -8.39 6.51
CA VAL B 86 22.92 -8.13 7.30
C VAL B 86 24.16 -8.28 6.44
N ARG B 87 24.19 -9.34 5.65
CA ARG B 87 25.28 -9.64 4.73
C ARG B 87 25.52 -8.60 3.62
N PHE B 88 24.55 -7.73 3.33
CA PHE B 88 24.67 -6.86 2.15
C PHE B 88 25.21 -5.46 2.35
N TRP B 89 25.37 -5.04 3.60
CA TRP B 89 25.92 -3.73 3.92
C TRP B 89 27.46 -3.71 3.89
N ILE B 90 28.03 -2.65 3.30
CA ILE B 90 29.47 -2.35 3.43
C ILE B 90 29.82 -2.31 4.92
N PRO B 91 30.94 -2.95 5.34
CA PRO B 91 31.28 -2.93 6.78
C PRO B 91 31.23 -1.50 7.30
N GLY B 92 30.68 -1.32 8.49
CA GLY B 92 30.61 0.01 9.07
C GLY B 92 29.27 0.68 8.78
N GLU B 93 28.58 0.18 7.75
CA GLU B 93 27.31 0.75 7.33
C GLU B 93 26.15 -0.14 7.80
N PRO B 94 24.96 0.45 7.99
CA PRO B 94 24.66 1.89 7.84
C PRO B 94 25.18 2.69 9.04
N ASN B 95 25.73 3.87 8.78
CA ASN B 95 26.32 4.68 9.85
C ASN B 95 25.60 6.00 10.15
N ASN B 96 24.61 6.35 9.34
CA ASN B 96 23.84 7.59 9.52
C ASN B 96 24.75 8.83 9.65
N ALA B 97 25.64 9.02 8.68
CA ALA B 97 26.55 10.16 8.70
C ALA B 97 25.75 11.47 8.75
N GLY B 98 26.01 12.27 9.77
CA GLY B 98 25.34 13.57 9.95
C GLY B 98 23.89 13.48 10.40
N ASN B 99 23.51 12.31 10.94
CA ASN B 99 22.11 11.99 11.32
C ASN B 99 21.07 12.21 10.20
N ASN B 100 21.51 12.01 8.97
CA ASN B 100 20.75 12.44 7.80
C ASN B 100 20.82 11.47 6.59
N GLU B 101 21.16 10.20 6.84
CA GLU B 101 21.32 9.27 5.74
C GLU B 101 20.17 8.24 5.71
N HIS B 102 19.08 8.61 5.03
CA HIS B 102 17.83 7.89 5.19
C HIS B 102 17.41 7.09 3.95
N CYS B 103 18.30 7.03 2.96
CA CYS B 103 18.10 6.24 1.75
C CYS B 103 19.34 5.35 1.49
N GLY B 104 19.15 4.28 0.72
CA GLY B 104 20.24 3.29 0.50
C GLY B 104 20.67 3.20 -0.95
N ASN B 105 21.99 3.07 -1.18
CA ASN B 105 22.52 2.80 -2.53
C ASN B 105 23.43 1.55 -2.58
N ILE B 106 23.77 1.10 -3.78
CA ILE B 106 24.77 0.06 -4.00
C ILE B 106 26.03 0.81 -4.41
N LYS B 107 27.12 0.55 -3.68
CA LYS B 107 28.33 1.35 -3.77
C LYS B 107 29.59 0.54 -4.08
N ALA B 108 29.84 -0.52 -3.33
CA ALA B 108 31.11 -1.27 -3.44
C ALA B 108 31.00 -2.48 -4.37
N PRO B 109 32.10 -2.83 -5.07
CA PRO B 109 32.16 -4.03 -5.92
C PRO B 109 32.26 -5.33 -5.13
N SER B 110 31.16 -5.74 -4.49
CA SER B 110 31.18 -6.80 -3.48
C SER B 110 29.77 -7.13 -3.01
N LEU B 111 29.55 -8.39 -2.62
CA LEU B 111 28.30 -8.79 -1.98
C LEU B 111 27.95 -7.84 -0.82
N GLN B 112 28.96 -7.43 -0.07
N GLN B 112 28.96 -7.41 -0.07
CA GLN B 112 28.81 -6.37 0.92
CA GLN B 112 28.80 -6.39 0.96
C GLN B 112 28.88 -5.05 0.21
C GLN B 112 28.86 -5.02 0.29
N ALA B 113 27.73 -4.58 -0.29
CA ALA B 113 27.71 -3.45 -1.23
C ALA B 113 26.98 -2.17 -0.84
N TRP B 114 26.02 -2.27 0.09
CA TRP B 114 25.12 -1.15 0.40
C TRP B 114 25.70 -0.07 1.29
N ASN B 115 25.30 1.18 1.00
CA ASN B 115 25.62 2.33 1.86
C ASN B 115 24.37 3.17 2.07
N ASP B 116 24.19 3.68 3.28
CA ASP B 116 23.14 4.67 3.50
C ASP B 116 23.70 6.04 3.17
N ALA B 117 22.89 6.86 2.49
CA ALA B 117 23.32 8.20 2.06
C ALA B 117 22.14 9.18 2.10
N PRO B 118 22.40 10.51 2.08
CA PRO B 118 21.24 11.41 2.19
C PRO B 118 20.34 11.30 0.94
N CYS B 119 19.03 11.20 1.16
CA CYS B 119 18.08 11.04 0.05
C CYS B 119 18.11 12.15 -1.03
N ASP B 120 18.53 13.34 -0.61
CA ASP B 120 18.57 14.52 -1.48
C ASP B 120 19.86 14.66 -2.31
N LYS B 121 20.74 13.67 -2.18
CA LYS B 121 21.99 13.63 -2.96
C LYS B 121 21.66 12.90 -4.25
N THR B 122 22.35 13.25 -5.34
CA THR B 122 22.04 12.65 -6.64
C THR B 122 23.02 11.52 -7.01
N PHE B 123 22.47 10.42 -7.51
CA PHE B 123 23.25 9.30 -8.08
C PHE B 123 22.48 8.69 -9.23
N LEU B 124 23.17 7.86 -10.02
CA LEU B 124 22.51 6.96 -10.96
C LEU B 124 21.61 6.05 -10.11
N PHE B 125 20.71 5.33 -10.77
CA PHE B 125 19.70 4.55 -10.06
C PHE B 125 19.31 3.32 -10.87
N ILE B 126 18.69 2.35 -10.21
CA ILE B 126 18.32 1.10 -10.85
C ILE B 126 16.85 0.79 -10.57
N CYS B 127 16.05 0.71 -11.64
CA CYS B 127 14.64 0.31 -11.53
C CYS B 127 14.51 -1.19 -11.75
N LYS B 128 13.42 -1.75 -11.25
CA LYS B 128 13.11 -3.16 -11.40
C LYS B 128 11.66 -3.27 -11.82
N ARG B 129 11.42 -4.01 -12.91
CA ARG B 129 10.09 -4.18 -13.47
C ARG B 129 9.78 -5.67 -13.61
N PRO B 130 8.71 -6.17 -12.97
CA PRO B 130 8.33 -7.59 -13.16
C PRO B 130 8.07 -7.96 -14.62
N TYR B 131 8.52 -9.14 -15.06
CA TYR B 131 8.11 -9.66 -16.37
C TYR B 131 6.74 -10.27 -16.20
N VAL B 132 5.79 -9.82 -17.01
CA VAL B 132 4.44 -10.36 -16.99
C VAL B 132 4.10 -10.62 -18.45
N PRO B 133 3.94 -11.90 -18.80
CA PRO B 133 3.70 -12.40 -20.16
C PRO B 133 2.53 -11.74 -20.93
N GLY C 6 2.89 21.88 18.57
CA GLY C 6 2.26 22.93 17.71
C GLY C 6 1.50 22.32 16.54
N TRP C 7 0.72 21.27 16.82
CA TRP C 7 -0.18 20.71 15.82
C TRP C 7 -1.53 21.39 16.00
N LYS C 8 -2.18 21.67 14.88
CA LYS C 8 -3.45 22.35 14.87
C LYS C 8 -4.51 21.34 14.54
N TYR C 9 -5.68 21.45 15.17
CA TYR C 9 -6.75 20.46 15.06
C TYR C 9 -7.87 20.93 14.17
N PHE C 10 -8.24 20.10 13.20
CA PHE C 10 -9.34 20.40 12.28
C PHE C 10 -10.05 19.11 11.83
N LYS C 11 -11.32 19.01 12.21
CA LYS C 11 -12.21 17.94 11.78
C LYS C 11 -11.59 16.55 11.82
N GLY C 12 -11.17 16.13 13.01
CA GLY C 12 -10.68 14.78 13.20
C GLY C 12 -9.21 14.51 12.85
N ASN C 13 -8.51 15.53 12.37
CA ASN C 13 -7.08 15.45 12.04
C ASN C 13 -6.26 16.58 12.69
N PHE C 14 -5.02 16.27 13.05
CA PHE C 14 -4.04 17.27 13.44
C PHE C 14 -3.12 17.62 12.26
N TYR C 15 -2.63 18.86 12.25
CA TYR C 15 -1.83 19.41 11.15
C TYR C 15 -0.62 20.11 11.71
N TYR C 16 0.52 19.89 11.07
CA TYR C 16 1.76 20.51 11.47
C TYR C 16 2.28 21.35 10.33
N PHE C 17 2.49 22.62 10.60
CA PHE C 17 2.93 23.59 9.60
C PHE C 17 4.40 23.81 9.95
N SER C 18 5.31 23.31 9.12
CA SER C 18 6.72 23.28 9.49
C SER C 18 7.33 24.67 9.56
N LEU C 19 8.38 24.79 10.36
CA LEU C 19 9.13 26.05 10.49
C LEU C 19 10.40 26.04 9.62
N ILE C 20 10.76 24.85 9.13
CA ILE C 20 11.99 24.62 8.39
C ILE C 20 11.67 24.06 6.99
N PRO C 21 12.34 24.56 5.95
CA PRO C 21 12.03 24.05 4.61
C PRO C 21 12.75 22.73 4.28
N LYS C 22 12.12 21.87 3.48
CA LYS C 22 12.76 20.62 3.02
C LYS C 22 12.28 20.22 1.62
N THR C 23 12.99 19.28 1.00
CA THR C 23 12.51 18.69 -0.24
C THR C 23 11.20 17.93 0.01
N TRP C 24 10.47 17.58 -1.05
CA TRP C 24 9.19 16.90 -0.89
C TRP C 24 9.37 15.64 -0.07
N TYR C 25 10.36 14.83 -0.48
CA TYR C 25 10.51 13.51 0.11
C TYR C 25 11.04 13.57 1.54
N SER C 26 12.03 14.44 1.79
CA SER C 26 12.56 14.63 3.15
C SER C 26 11.49 15.18 4.08
N ALA C 27 10.58 15.96 3.52
CA ALA C 27 9.44 16.42 4.26
C ALA C 27 8.54 15.23 4.60
N GLU C 28 8.25 14.39 3.59
CA GLU C 28 7.43 13.18 3.82
C GLU C 28 8.06 12.30 4.89
N GLN C 29 9.37 12.10 4.83
CA GLN C 29 10.07 11.35 5.89
C GLN C 29 9.99 11.98 7.27
N PHE C 30 10.12 13.30 7.34
CA PHE C 30 9.87 13.99 8.60
C PHE C 30 8.44 13.67 9.10
N CYS C 31 7.46 13.75 8.20
CA CYS C 31 6.08 13.44 8.60
C CYS C 31 6.02 12.00 9.09
N VAL C 32 6.57 11.06 8.31
CA VAL C 32 6.51 9.66 8.70
C VAL C 32 7.13 9.45 10.08
N SER C 33 8.21 10.17 10.39
CA SER C 33 8.86 10.07 11.71
C SER C 33 7.93 10.51 12.85
N ARG C 34 6.94 11.36 12.54
CA ARG C 34 6.01 11.82 13.56
C ARG C 34 4.65 11.17 13.38
N ASN C 35 4.63 9.93 12.89
CA ASN C 35 3.39 9.17 12.77
C ASN C 35 2.35 9.87 11.89
N SER C 36 2.81 10.47 10.78
CA SER C 36 1.92 11.24 9.91
C SER C 36 2.35 11.19 8.43
N HIS C 37 1.74 12.02 7.59
CA HIS C 37 2.02 12.07 6.14
C HIS C 37 1.81 13.50 5.70
N LEU C 38 2.54 13.93 4.66
CA LEU C 38 2.19 15.16 3.93
C LEU C 38 0.70 15.13 3.67
N THR C 39 0.02 16.24 3.94
CA THR C 39 -1.44 16.26 3.98
C THR C 39 -2.10 16.00 2.63
N SER C 40 -3.19 15.24 2.66
CA SER C 40 -4.14 15.19 1.56
C SER C 40 -5.14 16.33 1.73
N VAL C 41 -5.91 16.61 0.68
CA VAL C 41 -6.96 17.60 0.73
C VAL C 41 -8.20 16.99 0.11
N THR C 42 -9.30 16.93 0.85
CA THR C 42 -10.50 16.21 0.37
C THR C 42 -11.85 16.90 0.47
N SER C 43 -11.87 18.13 0.94
CA SER C 43 -13.09 18.92 0.95
C SER C 43 -12.72 20.38 0.75
N GLU C 44 -13.70 21.21 0.37
CA GLU C 44 -13.49 22.64 0.29
C GLU C 44 -13.12 23.23 1.66
N SER C 45 -13.69 22.69 2.72
CA SER C 45 -13.40 23.22 4.04
C SER C 45 -11.96 22.92 4.47
N GLU C 46 -11.42 21.80 4.02
CA GLU C 46 -10.04 21.43 4.31
C GLU C 46 -9.08 22.31 3.49
N GLN C 47 -9.39 22.49 2.20
CA GLN C 47 -8.57 23.34 1.35
C GLN C 47 -8.54 24.73 1.97
N GLU C 48 -9.73 25.22 2.33
CA GLU C 48 -9.90 26.52 2.96
C GLU C 48 -9.10 26.64 4.25
N PHE C 49 -9.26 25.68 5.16
CA PHE C 49 -8.48 25.64 6.40
C PHE C 49 -6.99 25.68 6.11
N LEU C 50 -6.55 24.90 5.15
CA LEU C 50 -5.14 24.82 4.85
C LEU C 50 -4.59 26.14 4.29
N TYR C 51 -5.25 26.69 3.27
CA TYR C 51 -4.73 27.90 2.64
C TYR C 51 -4.78 29.13 3.58
N LYS C 52 -5.80 29.20 4.43
CA LYS C 52 -5.88 30.31 5.40
C LYS C 52 -4.84 30.20 6.51
N THR C 53 -4.55 28.98 6.96
CA THR C 53 -3.46 28.77 7.90
C THR C 53 -2.08 29.00 7.25
N ALA C 54 -1.94 28.59 5.98
CA ALA C 54 -0.71 28.85 5.23
C ALA C 54 -0.39 30.36 5.19
N GLY C 55 -1.43 31.19 5.18
CA GLY C 55 -1.25 32.64 5.26
C GLY C 55 -0.36 33.24 4.19
N GLY C 56 -0.35 32.65 3.00
CA GLY C 56 0.40 33.24 1.89
C GLY C 56 1.78 32.66 1.65
N LEU C 57 2.18 31.70 2.47
CA LEU C 57 3.47 31.03 2.30
C LEU C 57 3.26 29.73 1.55
N ILE C 58 4.29 29.29 0.83
CA ILE C 58 4.20 28.04 0.07
C ILE C 58 4.57 26.85 0.95
N TYR C 59 3.70 25.83 0.97
CA TYR C 59 3.96 24.58 1.69
C TYR C 59 3.75 23.38 0.80
N TRP C 60 4.70 22.43 0.83
CA TRP C 60 4.49 21.12 0.23
C TRP C 60 3.30 20.43 0.86
N ILE C 61 2.51 19.76 0.02
CA ILE C 61 1.43 18.89 0.51
C ILE C 61 1.65 17.53 -0.14
N GLY C 62 0.77 16.57 0.14
CA GLY C 62 0.97 15.17 -0.25
C GLY C 62 0.81 14.83 -1.71
N LEU C 63 0.74 15.85 -2.57
CA LEU C 63 0.50 15.64 -4.01
C LEU C 63 1.74 15.20 -4.68
N THR C 64 1.65 14.07 -5.40
CA THR C 64 2.74 13.59 -6.22
C THR C 64 2.22 12.70 -7.34
N LYS C 65 3.01 12.52 -8.39
CA LYS C 65 2.60 11.70 -9.53
C LYS C 65 2.83 10.22 -9.27
N ALA C 66 1.92 9.39 -9.80
CA ALA C 66 2.08 7.92 -9.81
C ALA C 66 1.52 7.31 -11.10
N GLY C 67 2.22 6.28 -11.59
CA GLY C 67 1.83 5.55 -12.78
C GLY C 67 2.48 6.16 -14.01
N MSE C 68 2.51 5.37 -15.09
CA MSE C 68 3.07 5.78 -16.38
C MSE C 68 2.28 6.96 -16.96
O MSE C 68 2.81 7.74 -17.74
CB MSE C 68 3.00 4.65 -17.41
CG MSE C 68 3.42 3.27 -16.94
SE MSE C 68 2.97 1.91 -18.29
CE MSE C 68 4.41 2.22 -19.60
N GLU C 69 1.01 7.04 -16.57
CA GLU C 69 0.12 8.10 -17.02
C GLU C 69 0.54 9.46 -16.47
N GLY C 70 1.23 9.45 -15.34
CA GLY C 70 1.58 10.68 -14.63
C GLY C 70 0.38 11.20 -13.86
N ASP C 71 -0.59 10.34 -13.56
CA ASP C 71 -1.73 10.70 -12.75
C ASP C 71 -1.25 11.20 -11.37
N TRP C 72 -1.88 12.26 -10.91
CA TRP C 72 -1.62 12.78 -9.58
C TRP C 72 -2.13 11.80 -8.52
N SER C 73 -1.50 11.79 -7.35
CA SER C 73 -1.90 10.87 -6.30
C SER C 73 -1.66 11.51 -4.95
N TRP C 74 -2.20 10.90 -3.90
CA TRP C 74 -1.92 11.35 -2.53
C TRP C 74 -0.98 10.36 -1.84
N VAL C 75 0.13 10.85 -1.27
CA VAL C 75 1.06 10.02 -0.53
C VAL C 75 0.44 9.26 0.65
N ASP C 76 -0.61 9.80 1.30
CA ASP C 76 -1.31 9.06 2.37
C ASP C 76 -2.25 7.97 1.85
N ASP C 77 -2.42 7.89 0.53
CA ASP C 77 -3.15 6.79 -0.15
C ASP C 77 -4.65 7.01 -0.27
N THR C 78 -5.11 8.18 0.13
CA THR C 78 -6.41 8.65 -0.28
C THR C 78 -6.49 8.59 -1.81
N PRO C 79 -7.52 7.93 -2.37
CA PRO C 79 -7.71 7.99 -3.82
C PRO C 79 -7.76 9.42 -4.30
N PHE C 80 -7.18 9.70 -5.47
CA PHE C 80 -7.18 11.05 -6.01
C PHE C 80 -8.36 11.14 -6.95
N ASN C 81 -9.28 12.06 -6.65
CA ASN C 81 -10.48 12.24 -7.44
C ASN C 81 -10.22 13.44 -8.35
N LYS C 82 -10.01 13.19 -9.64
CA LYS C 82 -9.62 14.26 -10.57
C LYS C 82 -10.72 15.29 -10.76
N VAL C 83 -11.91 14.80 -11.13
CA VAL C 83 -13.07 15.65 -11.31
C VAL C 83 -13.34 16.56 -10.11
N GLN C 84 -13.32 16.01 -8.91
CA GLN C 84 -13.55 16.81 -7.72
C GLN C 84 -12.36 17.67 -7.32
N SER C 85 -11.19 17.44 -7.94
CA SER C 85 -9.96 18.16 -7.60
C SER C 85 -9.49 19.29 -8.52
N VAL C 86 -9.99 19.32 -9.77
CA VAL C 86 -9.49 20.27 -10.77
C VAL C 86 -9.67 21.72 -10.36
N ARG C 87 -10.67 21.98 -9.51
CA ARG C 87 -11.01 23.31 -9.01
C ARG C 87 -9.98 23.84 -7.99
N PHE C 88 -9.07 22.97 -7.53
CA PHE C 88 -8.12 23.34 -6.48
C PHE C 88 -6.76 23.78 -6.98
N TRP C 89 -6.49 23.57 -8.27
CA TRP C 89 -5.27 24.07 -8.90
C TRP C 89 -5.42 25.56 -9.21
N ILE C 90 -4.28 26.27 -9.14
CA ILE C 90 -4.19 27.63 -9.65
C ILE C 90 -4.42 27.56 -11.16
N PRO C 91 -5.27 28.45 -11.72
CA PRO C 91 -5.43 28.51 -13.19
C PRO C 91 -4.10 28.42 -13.92
N GLY C 92 -4.01 27.51 -14.89
CA GLY C 92 -2.75 27.24 -15.61
C GLY C 92 -1.95 26.06 -15.08
N GLU C 93 -2.23 25.66 -13.83
CA GLU C 93 -1.58 24.49 -13.22
C GLU C 93 -2.48 23.24 -13.28
N PRO C 94 -1.90 22.02 -13.24
CA PRO C 94 -0.47 21.73 -13.27
C PRO C 94 0.05 21.92 -14.68
N ASN C 95 1.21 22.57 -14.83
CA ASN C 95 1.75 22.83 -16.15
C ASN C 95 2.99 22.02 -16.49
N ASN C 96 3.58 21.38 -15.49
CA ASN C 96 4.82 20.63 -15.71
C ASN C 96 5.91 21.52 -16.38
N ALA C 97 6.32 22.57 -15.67
CA ALA C 97 7.40 23.47 -16.10
C ALA C 97 8.72 22.71 -16.24
N GLY C 98 9.33 22.82 -17.42
CA GLY C 98 10.56 22.08 -17.73
C GLY C 98 10.46 20.57 -17.63
N ASN C 99 9.25 20.02 -17.81
CA ASN C 99 8.94 18.58 -17.57
C ASN C 99 9.60 17.97 -16.34
N ASN C 100 9.53 18.70 -15.23
CA ASN C 100 10.31 18.40 -14.04
C ASN C 100 9.50 18.65 -12.75
N GLU C 101 8.19 18.87 -12.88
CA GLU C 101 7.34 19.23 -11.72
C GLU C 101 6.39 18.08 -11.32
N HIS C 102 6.84 17.19 -10.44
CA HIS C 102 6.10 15.95 -10.15
C HIS C 102 5.56 15.85 -8.73
N CYS C 103 5.63 16.98 -8.02
CA CYS C 103 5.12 17.11 -6.67
C CYS C 103 4.27 18.38 -6.62
N GLY C 104 3.45 18.51 -5.60
CA GLY C 104 2.50 19.62 -5.48
C GLY C 104 2.58 20.32 -4.13
N ASN C 105 2.48 21.65 -4.19
CA ASN C 105 2.41 22.48 -3.00
C ASN C 105 1.17 23.35 -2.97
N ILE C 106 0.84 23.87 -1.78
CA ILE C 106 -0.16 24.91 -1.64
C ILE C 106 0.54 26.26 -1.80
N LYS C 107 0.02 27.08 -2.71
CA LYS C 107 0.72 28.29 -3.10
C LYS C 107 -0.09 29.59 -2.95
N ALA C 108 -1.25 29.69 -3.62
CA ALA C 108 -2.05 30.91 -3.54
C ALA C 108 -3.03 30.83 -2.38
N PRO C 109 -3.29 31.95 -1.69
CA PRO C 109 -4.32 31.97 -0.66
C PRO C 109 -5.70 32.08 -1.28
N SER C 110 -6.16 30.97 -1.84
CA SER C 110 -7.41 30.93 -2.58
C SER C 110 -7.82 29.48 -2.63
N LEU C 111 -9.05 29.19 -3.02
CA LEU C 111 -9.47 27.82 -3.24
C LEU C 111 -8.69 27.22 -4.39
N GLN C 112 -8.41 28.04 -5.40
CA GLN C 112 -7.49 27.68 -6.46
C GLN C 112 -6.07 27.95 -5.96
N ALA C 113 -5.46 26.92 -5.38
CA ALA C 113 -4.28 27.11 -4.51
C ALA C 113 -3.03 26.33 -4.92
N TRP C 114 -3.23 25.16 -5.51
CA TRP C 114 -2.12 24.25 -5.82
C TRP C 114 -1.27 24.65 -7.01
N ASN C 115 0.03 24.38 -6.91
CA ASN C 115 0.95 24.42 -8.05
C ASN C 115 1.78 23.16 -8.00
N ASP C 116 2.17 22.67 -9.18
CA ASP C 116 3.18 21.61 -9.27
C ASP C 116 4.56 22.26 -9.39
N ALA C 117 5.55 21.70 -8.71
CA ALA C 117 6.88 22.29 -8.61
C ALA C 117 7.82 21.12 -8.55
N PRO C 118 9.12 21.35 -8.77
CA PRO C 118 10.03 20.20 -8.76
C PRO C 118 10.17 19.57 -7.36
N CYS C 119 10.21 18.24 -7.30
CA CYS C 119 10.23 17.53 -6.02
C CYS C 119 11.45 17.88 -5.15
N ASP C 120 12.51 18.34 -5.80
CA ASP C 120 13.79 18.57 -5.11
C ASP C 120 14.01 20.00 -4.62
N LYS C 121 13.06 20.87 -4.91
CA LYS C 121 13.02 22.22 -4.35
C LYS C 121 12.62 22.11 -2.89
N THR C 122 13.12 23.02 -2.08
CA THR C 122 12.85 23.00 -0.66
C THR C 122 11.78 24.03 -0.30
N PHE C 123 10.70 23.58 0.36
CA PHE C 123 9.66 24.47 0.92
C PHE C 123 9.31 24.00 2.33
N LEU C 124 8.61 24.87 3.06
CA LEU C 124 7.88 24.45 4.25
C LEU C 124 6.86 23.40 3.82
N PHE C 125 6.33 22.64 4.77
CA PHE C 125 5.51 21.50 4.43
C PHE C 125 4.45 21.32 5.50
N ILE C 126 3.37 20.62 5.15
CA ILE C 126 2.28 20.37 6.12
C ILE C 126 2.06 18.88 6.29
N CYS C 127 2.19 18.38 7.51
CA CYS C 127 1.85 16.99 7.84
C CYS C 127 0.41 16.90 8.31
N LYS C 128 -0.18 15.75 8.06
CA LYS C 128 -1.54 15.45 8.49
C LYS C 128 -1.51 14.15 9.28
N ARG C 129 -2.16 14.13 10.44
CA ARG C 129 -2.20 12.96 11.30
C ARG C 129 -3.59 12.79 11.91
N PRO C 130 -4.24 11.63 11.71
CA PRO C 130 -5.61 11.50 12.28
C PRO C 130 -5.59 11.40 13.81
N TYR C 131 -6.65 11.87 14.45
CA TYR C 131 -6.90 11.56 15.86
C TYR C 131 -7.57 10.20 15.96
N VAL C 132 -7.01 9.33 16.79
CA VAL C 132 -7.58 8.02 17.05
C VAL C 132 -7.83 7.93 18.57
N PRO C 133 -9.10 8.12 19.00
CA PRO C 133 -9.51 8.10 20.42
C PRO C 133 -9.38 6.71 21.00
N TRP C 139 -10.98 -6.41 18.06
CA TRP C 139 -10.69 -7.80 17.71
C TRP C 139 -11.31 -8.81 18.67
N SER D 4 -18.24 -3.06 -15.87
CA SER D 4 -19.20 -3.40 -16.99
C SER D 4 -20.31 -2.32 -17.14
N GLN D 5 -21.58 -2.72 -16.99
CA GLN D 5 -22.75 -1.80 -17.03
C GLN D 5 -23.64 -1.84 -15.78
N GLY D 6 -24.33 -0.72 -15.53
CA GLY D 6 -25.24 -0.57 -14.39
C GLY D 6 -24.68 0.35 -13.32
N TRP D 7 -23.62 1.06 -13.66
CA TRP D 7 -22.95 1.96 -12.73
C TRP D 7 -23.71 3.28 -12.58
N LYS D 8 -23.79 3.78 -11.35
CA LYS D 8 -24.43 5.06 -11.10
C LYS D 8 -23.40 6.13 -10.74
N TYR D 9 -23.55 7.30 -11.34
CA TYR D 9 -22.59 8.38 -11.21
C TYR D 9 -22.96 9.33 -10.08
N PHE D 10 -21.99 9.66 -9.24
CA PHE D 10 -22.15 10.65 -8.18
C PHE D 10 -20.79 11.30 -7.85
N LYS D 11 -20.73 12.61 -8.06
CA LYS D 11 -19.57 13.46 -7.73
C LYS D 11 -18.19 12.84 -8.03
N GLY D 12 -17.95 12.52 -9.31
CA GLY D 12 -16.65 12.04 -9.78
C GLY D 12 -16.39 10.56 -9.64
N ASN D 13 -17.37 9.82 -9.11
CA ASN D 13 -17.25 8.36 -8.92
C ASN D 13 -18.44 7.61 -9.52
N PHE D 14 -18.20 6.36 -9.91
CA PHE D 14 -19.25 5.43 -10.36
C PHE D 14 -19.49 4.37 -9.25
N TYR D 15 -20.73 3.95 -9.06
CA TYR D 15 -21.08 3.04 -7.99
C TYR D 15 -21.94 1.93 -8.56
N TYR D 16 -21.63 0.69 -8.17
CA TYR D 16 -22.34 -0.49 -8.65
C TYR D 16 -23.06 -1.10 -7.47
N PHE D 17 -24.38 -1.23 -7.55
CA PHE D 17 -25.15 -1.86 -6.48
C PHE D 17 -25.50 -3.27 -6.92
N SER D 18 -24.88 -4.25 -6.28
CA SER D 18 -24.97 -5.66 -6.71
C SER D 18 -26.39 -6.19 -6.63
N LEU D 19 -26.68 -7.13 -7.52
CA LEU D 19 -27.91 -7.90 -7.48
C LEU D 19 -27.74 -9.22 -6.71
N ILE D 20 -26.50 -9.66 -6.54
CA ILE D 20 -26.19 -10.99 -6.00
C ILE D 20 -25.41 -10.81 -4.69
N PRO D 21 -25.81 -11.51 -3.60
CA PRO D 21 -25.11 -11.39 -2.31
C PRO D 21 -23.76 -12.15 -2.24
N LYS D 22 -22.77 -11.59 -1.54
CA LYS D 22 -21.48 -12.26 -1.36
C LYS D 22 -20.91 -11.97 0.03
N THR D 23 -19.89 -12.72 0.42
CA THR D 23 -19.15 -12.38 1.64
C THR D 23 -18.44 -11.06 1.38
N TRP D 24 -17.97 -10.42 2.45
CA TRP D 24 -17.27 -9.16 2.32
C TRP D 24 -16.10 -9.27 1.34
N TYR D 25 -15.26 -10.29 1.50
CA TYR D 25 -14.08 -10.40 0.65
C TYR D 25 -14.40 -10.81 -0.76
N SER D 26 -15.33 -11.74 -0.94
CA SER D 26 -15.73 -12.08 -2.32
C SER D 26 -16.35 -10.86 -2.99
N ALA D 27 -17.08 -10.06 -2.24
CA ALA D 27 -17.62 -8.82 -2.75
C ALA D 27 -16.45 -7.98 -3.25
N GLU D 28 -15.45 -7.81 -2.40
CA GLU D 28 -14.30 -6.98 -2.77
C GLU D 28 -13.59 -7.51 -3.98
N GLN D 29 -13.47 -8.83 -4.08
CA GLN D 29 -12.87 -9.47 -5.25
C GLN D 29 -13.67 -9.18 -6.53
N PHE D 30 -14.99 -9.24 -6.41
CA PHE D 30 -15.84 -8.86 -7.52
C PHE D 30 -15.56 -7.40 -7.96
N CYS D 31 -15.44 -6.50 -7.00
CA CYS D 31 -15.23 -5.09 -7.31
C CYS D 31 -13.86 -4.90 -7.97
N VAL D 32 -12.87 -5.60 -7.44
CA VAL D 32 -11.52 -5.58 -7.98
C VAL D 32 -11.47 -6.11 -9.44
N SER D 33 -12.20 -7.19 -9.73
CA SER D 33 -12.23 -7.71 -11.10
C SER D 33 -12.86 -6.70 -12.04
N ARG D 34 -13.60 -5.75 -11.45
CA ARG D 34 -14.20 -4.63 -12.18
C ARG D 34 -13.42 -3.31 -12.04
N ASN D 35 -12.16 -3.36 -11.64
CA ASN D 35 -11.37 -2.15 -11.51
C ASN D 35 -11.90 -1.20 -10.44
N SER D 36 -12.42 -1.75 -9.35
CA SER D 36 -13.02 -0.92 -8.32
C SER D 36 -12.79 -1.56 -6.95
N HIS D 37 -13.35 -0.96 -5.90
CA HIS D 37 -13.25 -1.48 -4.54
C HIS D 37 -14.59 -1.29 -3.89
N LEU D 38 -14.87 -2.06 -2.86
CA LEU D 38 -16.01 -1.78 -2.00
C LEU D 38 -15.93 -0.31 -1.59
N THR D 39 -17.07 0.38 -1.66
CA THR D 39 -17.06 1.82 -1.52
C THR D 39 -16.56 2.32 -0.15
N SER D 40 -15.76 3.38 -0.16
CA SER D 40 -15.50 4.14 1.05
C SER D 40 -16.60 5.19 1.17
N VAL D 41 -16.68 5.86 2.33
CA VAL D 41 -17.64 6.96 2.55
C VAL D 41 -16.97 8.09 3.30
N THR D 42 -16.81 9.23 2.65
CA THR D 42 -16.05 10.34 3.25
C THR D 42 -16.74 11.72 3.31
N SER D 43 -18.06 11.74 3.04
CA SER D 43 -18.88 12.94 3.24
C SER D 43 -20.36 12.61 3.52
N GLU D 44 -21.09 13.59 4.07
CA GLU D 44 -22.53 13.46 4.24
C GLU D 44 -23.23 13.22 2.92
N SER D 45 -22.85 13.98 1.90
CA SER D 45 -23.52 13.90 0.60
C SER D 45 -23.41 12.51 0.01
N GLU D 46 -22.22 11.91 0.17
CA GLU D 46 -21.97 10.54 -0.27
C GLU D 46 -22.74 9.53 0.59
N GLN D 47 -22.74 9.70 1.91
CA GLN D 47 -23.53 8.84 2.79
C GLN D 47 -25.01 8.90 2.37
N GLU D 48 -25.49 10.11 2.10
CA GLU D 48 -26.87 10.29 1.62
C GLU D 48 -27.14 9.56 0.30
N PHE D 49 -26.32 9.83 -0.71
CA PHE D 49 -26.49 9.20 -2.02
C PHE D 49 -26.60 7.69 -1.84
N LEU D 50 -25.71 7.14 -1.03
CA LEU D 50 -25.65 5.70 -0.87
C LEU D 50 -26.85 5.11 -0.12
N TYR D 51 -27.23 5.73 0.99
CA TYR D 51 -28.31 5.14 1.78
C TYR D 51 -29.63 5.30 1.03
N LYS D 52 -29.76 6.40 0.28
CA LYS D 52 -30.96 6.68 -0.49
C LYS D 52 -31.12 5.69 -1.63
N THR D 53 -30.01 5.37 -2.30
CA THR D 53 -29.99 4.41 -3.40
C THR D 53 -30.14 2.98 -2.85
N ALA D 54 -29.52 2.71 -1.70
CA ALA D 54 -29.72 1.43 -1.01
C ALA D 54 -31.19 1.06 -0.81
N GLY D 55 -32.05 2.08 -0.73
CA GLY D 55 -33.49 1.89 -0.66
C GLY D 55 -33.96 0.99 0.47
N GLY D 56 -33.17 0.93 1.54
CA GLY D 56 -33.54 0.14 2.72
C GLY D 56 -33.05 -1.30 2.69
N LEU D 57 -32.26 -1.66 1.69
CA LEU D 57 -31.65 -2.99 1.59
C LEU D 57 -30.22 -2.90 2.12
N ILE D 58 -29.68 -4.02 2.62
CA ILE D 58 -28.37 -4.03 3.26
C ILE D 58 -27.27 -4.28 2.23
N TYR D 59 -26.27 -3.39 2.18
CA TYR D 59 -25.15 -3.54 1.26
C TYR D 59 -23.82 -3.47 2.00
N TRP D 60 -22.95 -4.46 1.76
CA TRP D 60 -21.59 -4.39 2.24
C TRP D 60 -20.97 -3.14 1.65
N ILE D 61 -20.12 -2.47 2.43
CA ILE D 61 -19.29 -1.38 1.93
C ILE D 61 -17.86 -1.69 2.35
N GLY D 62 -16.91 -0.81 2.01
CA GLY D 62 -15.50 -1.12 2.22
C GLY D 62 -14.95 -0.98 3.63
N LEU D 63 -15.83 -0.99 4.62
CA LEU D 63 -15.47 -0.94 6.04
C LEU D 63 -14.96 -2.26 6.51
N THR D 64 -13.79 -2.25 7.13
CA THR D 64 -13.19 -3.48 7.68
C THR D 64 -12.14 -3.15 8.75
N LYS D 65 -12.06 -3.99 9.78
CA LYS D 65 -11.00 -3.83 10.79
C LYS D 65 -9.61 -4.23 10.24
N ALA D 66 -8.59 -3.49 10.65
CA ALA D 66 -7.20 -3.77 10.26
C ALA D 66 -6.24 -3.34 11.37
N GLY D 67 -4.96 -3.70 11.22
CA GLY D 67 -3.95 -3.35 12.21
C GLY D 67 -4.09 -4.22 13.45
N MSE D 68 -3.16 -4.09 14.37
CA MSE D 68 -3.14 -4.88 15.59
C MSE D 68 -4.29 -4.55 16.54
O MSE D 68 -4.79 -5.42 17.24
CB MSE D 68 -1.82 -4.69 16.31
CG MSE D 68 -1.39 -5.88 17.10
SE MSE D 68 0.54 -5.82 17.24
CE MSE D 68 0.86 -7.47 18.25
N GLU D 69 -4.70 -3.28 16.56
CA GLU D 69 -5.73 -2.81 17.48
C GLU D 69 -7.14 -3.07 16.94
N GLY D 70 -7.22 -3.36 15.64
CA GLY D 70 -8.47 -3.65 14.96
C GLY D 70 -9.32 -2.41 14.72
N ASP D 71 -8.65 -1.27 14.49
CA ASP D 71 -9.35 -0.05 14.11
C ASP D 71 -9.98 -0.19 12.75
N TRP D 72 -11.12 0.45 12.57
CA TRP D 72 -11.80 0.50 11.29
C TRP D 72 -10.93 1.16 10.20
N SER D 73 -11.08 0.64 8.99
CA SER D 73 -10.31 1.10 7.85
C SER D 73 -11.16 1.02 6.59
N TRP D 74 -10.68 1.67 5.54
CA TRP D 74 -11.30 1.52 4.24
C TRP D 74 -10.46 0.62 3.32
N VAL D 75 -11.11 -0.37 2.68
CA VAL D 75 -10.36 -1.28 1.80
C VAL D 75 -9.74 -0.54 0.63
N ASP D 76 -10.29 0.62 0.26
CA ASP D 76 -9.68 1.39 -0.84
C ASP D 76 -8.45 2.22 -0.40
N ASP D 77 -8.12 2.13 0.89
CA ASP D 77 -6.95 2.82 1.52
C ASP D 77 -7.11 4.29 1.83
N THR D 78 -8.34 4.79 1.69
CA THR D 78 -8.70 6.09 2.22
C THR D 78 -8.46 6.03 3.72
N PRO D 79 -7.62 6.93 4.29
CA PRO D 79 -7.50 6.96 5.74
C PRO D 79 -8.89 7.06 6.43
N PHE D 80 -9.07 6.28 7.48
CA PHE D 80 -10.32 6.29 8.23
C PHE D 80 -10.34 7.41 9.27
N ASN D 81 -11.33 8.28 9.17
CA ASN D 81 -11.49 9.39 10.10
C ASN D 81 -12.56 9.01 11.15
N LYS D 82 -12.12 8.53 12.31
CA LYS D 82 -13.01 8.10 13.38
C LYS D 82 -13.97 9.20 13.89
N VAL D 83 -13.42 10.39 14.13
CA VAL D 83 -14.20 11.52 14.61
C VAL D 83 -15.34 11.84 13.64
N GLN D 84 -15.02 11.92 12.35
CA GLN D 84 -16.02 12.31 11.36
C GLN D 84 -16.97 11.18 10.94
N SER D 85 -16.83 10.00 11.55
CA SER D 85 -17.65 8.85 11.21
C SER D 85 -18.60 8.41 12.32
N VAL D 86 -18.42 8.92 13.53
CA VAL D 86 -19.32 8.56 14.63
C VAL D 86 -20.76 8.86 14.23
N ARG D 87 -20.91 9.95 13.49
CA ARG D 87 -22.15 10.41 12.91
C ARG D 87 -22.78 9.42 11.90
N PHE D 88 -22.00 8.46 11.40
CA PHE D 88 -22.48 7.57 10.34
C PHE D 88 -22.91 6.18 10.81
N TRP D 89 -22.58 5.83 12.05
CA TRP D 89 -22.97 4.53 12.63
C TRP D 89 -24.38 4.58 13.22
N ILE D 90 -25.14 3.49 13.05
CA ILE D 90 -26.39 3.25 13.80
C ILE D 90 -26.11 3.25 15.32
N PRO D 91 -26.93 3.96 16.13
CA PRO D 91 -26.75 4.01 17.58
C PRO D 91 -26.48 2.64 18.23
N GLY D 92 -25.41 2.56 19.02
CA GLY D 92 -25.03 1.30 19.66
C GLY D 92 -24.02 0.47 18.88
N GLU D 93 -23.97 0.70 17.58
CA GLU D 93 -23.00 0.03 16.70
C GLU D 93 -21.77 0.94 16.52
N PRO D 94 -20.59 0.36 16.31
CA PRO D 94 -20.28 -1.07 16.19
C PRO D 94 -20.25 -1.81 17.53
N ASN D 95 -21.04 -2.88 17.62
CA ASN D 95 -21.21 -3.59 18.89
C ASN D 95 -20.42 -4.90 18.95
N ASN D 96 -19.79 -5.28 17.84
CA ASN D 96 -18.96 -6.48 17.78
C ASN D 96 -19.67 -7.74 18.28
N ALA D 97 -20.92 -7.92 17.85
CA ALA D 97 -21.78 -9.01 18.32
C ALA D 97 -21.17 -10.40 18.07
N GLY D 98 -20.86 -11.07 19.18
CA GLY D 98 -20.23 -12.39 19.16
C GLY D 98 -18.72 -12.35 19.06
N ASN D 99 -18.13 -11.17 19.27
CA ASN D 99 -16.68 -10.93 19.10
C ASN D 99 -16.21 -11.29 17.69
N ASN D 100 -17.08 -11.05 16.71
CA ASN D 100 -16.90 -11.60 15.38
C ASN D 100 -17.38 -10.69 14.27
N GLU D 101 -17.54 -9.39 14.53
CA GLU D 101 -18.06 -8.48 13.50
C GLU D 101 -16.97 -7.52 13.01
N HIS D 102 -16.20 -7.99 12.04
CA HIS D 102 -15.02 -7.26 11.59
C HIS D 102 -15.16 -6.55 10.25
N CYS D 103 -16.38 -6.53 9.71
CA CYS D 103 -16.70 -5.83 8.44
C CYS D 103 -17.97 -5.00 8.60
N GLY D 104 -18.15 -4.00 7.73
CA GLY D 104 -19.27 -3.08 7.89
C GLY D 104 -20.14 -2.93 6.65
N ASN D 105 -21.44 -2.70 6.89
CA ASN D 105 -22.42 -2.54 5.82
C ASN D 105 -23.30 -1.32 5.99
N ILE D 106 -23.99 -0.89 4.94
CA ILE D 106 -25.03 0.12 5.09
C ILE D 106 -26.33 -0.65 5.31
N LYS D 107 -27.02 -0.32 6.39
CA LYS D 107 -28.19 -1.09 6.84
C LYS D 107 -29.46 -0.25 6.94
N ALA D 108 -29.34 0.96 7.49
CA ALA D 108 -30.51 1.81 7.66
C ALA D 108 -30.52 2.98 6.69
N PRO D 109 -31.70 3.36 6.20
CA PRO D 109 -31.84 4.54 5.34
C PRO D 109 -31.84 5.83 6.17
N SER D 110 -30.65 6.27 6.55
CA SER D 110 -30.45 7.40 7.46
C SER D 110 -28.98 7.77 7.44
N LEU D 111 -28.64 8.95 7.95
CA LEU D 111 -27.22 9.29 8.07
C LEU D 111 -26.55 8.37 9.08
N GLN D 112 -27.31 7.91 10.07
CA GLN D 112 -26.87 6.81 10.93
C GLN D 112 -27.15 5.47 10.26
N ALA D 113 -26.22 4.99 9.45
CA ALA D 113 -26.50 3.89 8.52
C ALA D 113 -25.72 2.60 8.78
N TRP D 114 -24.50 2.71 9.29
CA TRP D 114 -23.59 1.56 9.30
C TRP D 114 -23.83 0.61 10.48
N ASN D 115 -23.70 -0.68 10.19
CA ASN D 115 -23.62 -1.73 11.20
C ASN D 115 -22.36 -2.56 10.95
N ASP D 116 -21.78 -3.14 12.00
CA ASP D 116 -20.72 -4.14 11.82
C ASP D 116 -21.34 -5.53 11.79
N ALA D 117 -20.72 -6.46 11.05
CA ALA D 117 -21.28 -7.80 10.85
C ALA D 117 -20.14 -8.74 10.47
N PRO D 118 -20.34 -10.06 10.61
CA PRO D 118 -19.26 -10.97 10.28
C PRO D 118 -18.92 -10.91 8.80
N CYS D 119 -17.63 -10.84 8.51
CA CYS D 119 -17.10 -10.73 7.16
C CYS D 119 -17.52 -11.91 6.27
N ASP D 120 -17.76 -13.05 6.91
CA ASP D 120 -18.12 -14.30 6.25
C ASP D 120 -19.61 -14.45 5.92
N LYS D 121 -20.41 -13.42 6.25
CA LYS D 121 -21.84 -13.42 6.00
C LYS D 121 -22.13 -12.83 4.62
N THR D 122 -23.18 -13.31 3.94
CA THR D 122 -23.44 -12.82 2.59
C THR D 122 -24.46 -11.70 2.59
N PHE D 123 -24.09 -10.59 1.94
CA PHE D 123 -24.99 -9.46 1.66
C PHE D 123 -24.75 -8.98 0.23
N LEU D 124 -25.72 -8.26 -0.32
CA LEU D 124 -25.48 -7.43 -1.50
C LEU D 124 -24.36 -6.44 -1.16
N PHE D 125 -23.76 -5.82 -2.18
CA PHE D 125 -22.58 -4.99 -1.93
C PHE D 125 -22.50 -3.81 -2.90
N ILE D 126 -21.70 -2.80 -2.53
CA ILE D 126 -21.55 -1.59 -3.38
C ILE D 126 -20.09 -1.39 -3.75
N CYS D 127 -19.81 -1.34 -5.06
CA CYS D 127 -18.45 -1.02 -5.56
C CYS D 127 -18.36 0.47 -5.93
N LYS D 128 -17.18 1.05 -5.79
CA LYS D 128 -16.94 2.46 -6.18
C LYS D 128 -15.73 2.51 -7.10
N ARG D 129 -15.85 3.25 -8.18
CA ARG D 129 -14.84 3.30 -9.24
C ARG D 129 -14.63 4.76 -9.66
N PRO D 130 -13.40 5.29 -9.52
CA PRO D 130 -13.08 6.62 -9.99
C PRO D 130 -13.52 6.84 -11.43
N TYR D 131 -14.10 8.00 -11.71
CA TYR D 131 -14.33 8.40 -13.09
C TYR D 131 -12.99 8.73 -13.71
N VAL D 132 -12.76 8.18 -14.89
CA VAL D 132 -11.55 8.49 -15.63
C VAL D 132 -11.93 9.24 -16.90
N PRO D 133 -11.44 10.49 -17.03
CA PRO D 133 -11.57 11.26 -18.26
C PRO D 133 -10.95 10.51 -19.44
C1 GLC E . -15.64 -32.16 -5.20
C2 GLC E . -14.93 -31.21 -4.18
C3 GLC E . -13.95 -30.24 -4.90
C4 GLC E . -12.91 -31.02 -5.77
C5 GLC E . -13.62 -32.08 -6.69
C6 GLC E . -12.61 -33.03 -7.39
O1 GLC E . -16.61 -31.43 -6.00
O2 GLC E . -15.89 -30.51 -3.38
O3 GLC E . -13.30 -29.41 -3.93
O4 GLC E . -12.03 -30.13 -6.56
O5 GLC E . -14.66 -32.91 -6.02
O6 GLC E . -12.69 -32.87 -8.81
C1 GLC E . -10.70 -29.96 -6.01
C2 GLC E . -10.42 -28.45 -5.82
C3 GLC E . -9.96 -27.79 -7.12
C4 GLC E . -8.75 -28.55 -7.63
C5 GLC E . -9.16 -29.97 -8.02
C6 GLC E . -7.96 -30.69 -8.64
O2 GLC E . -11.60 -27.77 -5.37
O3 GLC E . -9.59 -26.43 -6.92
O4 GLC E . -8.21 -27.82 -8.72
O5 GLC E . -9.68 -30.70 -6.83
O6 GLC E . -8.29 -32.03 -8.99
C1 GLC F . 34.27 12.77 4.80
C2 GLC F . 34.00 12.65 3.28
C3 GLC F . 33.00 11.54 2.86
C4 GLC F . 32.98 10.26 3.73
C5 GLC F . 33.52 10.35 5.20
C6 GLC F . 34.28 9.04 5.63
O1 GLC F . 33.38 13.67 5.54
O2 GLC F . 33.54 13.91 2.74
O3 GLC F . 33.27 11.18 1.49
O4 GLC F . 31.60 9.72 3.79
O5 GLC F . 34.39 11.50 5.54
O6 GLC F . 35.56 8.88 4.96
C1 GLC F . 31.23 8.90 2.64
C2 GLC F . 29.71 8.79 2.52
C3 GLC F . 29.08 8.01 3.70
C4 GLC F . 29.82 6.73 3.96
C5 GLC F . 31.36 6.95 4.03
C6 GLC F . 32.18 5.69 4.28
O2 GLC F . 29.12 10.08 2.47
O3 GLC F . 27.72 7.69 3.42
O4 GLC F . 29.33 6.21 5.20
O5 GLC F . 31.81 7.57 2.80
O6 GLC F . 32.92 5.86 5.50
C1 GLC G . 10.76 32.76 -12.57
C2 GLC G . 10.75 32.08 -11.16
C3 GLC G . 10.39 30.58 -11.26
C4 GLC G . 9.07 30.44 -12.08
C5 GLC G . 9.34 31.05 -13.51
C6 GLC G . 8.30 30.67 -14.60
O1 GLC G . 11.89 32.32 -13.35
O2 GLC G . 12.01 32.27 -10.48
O3 GLC G . 10.28 30.02 -9.94
O4 GLC G . 8.48 29.11 -12.12
O5 GLC G . 9.53 32.50 -13.35
O6 GLC G . 8.26 31.68 -15.62
C1 GLC G . 7.35 29.14 -11.24
C2 GLC G . 7.10 27.70 -10.77
C3 GLC G . 6.18 26.94 -11.72
C4 GLC G . 4.86 27.70 -11.91
C5 GLC G . 5.18 29.05 -12.60
C6 GLC G . 3.97 29.97 -12.70
O2 GLC G . 8.36 27.02 -10.74
O3 GLC G . 5.93 25.64 -11.20
O4 GLC G . 3.93 26.92 -12.67
O5 GLC G . 6.22 29.81 -11.88
O6 GLC G . 4.15 31.12 -11.86
C1 GLC H . -30.86 -12.13 17.23
C2 GLC H . -31.30 -11.65 15.82
C3 GLC H . -30.07 -11.41 14.91
C4 GLC H . -29.12 -10.38 15.58
C5 GLC H . -28.61 -11.11 16.88
C6 GLC H . -27.34 -10.46 17.54
O1 GLC H . -30.56 -13.54 17.20
O2 GLC H . -32.22 -12.55 15.18
O3 GLC H . -30.47 -11.00 13.58
O4 GLC H . -28.03 -9.93 14.72
O5 GLC H . -29.75 -11.32 17.82
O6 GLC H . -27.65 -9.20 18.14
C1 GLC H . -28.26 -8.71 13.95
C2 GLC H . -26.89 -8.39 13.33
C3 GLC H . -26.01 -7.56 14.27
C4 GLC H . -26.73 -6.33 14.77
C5 GLC H . -28.08 -6.70 15.42
C6 GLC H . -28.86 -5.42 15.45
O2 GLC H . -26.23 -9.62 13.02
O3 GLC H . -24.81 -7.13 13.62
O4 GLC H . -25.87 -5.67 15.69
O5 GLC H . -28.91 -7.58 14.66
O6 GLC H . -28.93 -5.00 16.82
CA CA I . -7.99 -25.13 -8.35
CA CA J . 26.73 5.90 5.25
CA CA K . 3.83 24.44 -12.03
CA CA L . -23.23 -5.16 14.81
#